data_7PL7
#
_entry.id   7PL7
#
_cell.length_a   44.669
_cell.length_b   60.055
_cell.length_c   148.349
_cell.angle_alpha   90.000
_cell.angle_beta   90.000
_cell.angle_gamma   90.000
#
_symmetry.space_group_name_H-M   'I 21 21 21'
#
loop_
_entity.id
_entity.type
_entity.pdbx_description
1 polymer 'OTU domain-containing protein 2'
2 water water
#
_entity_poly.entity_id   1
_entity_poly.type   'polypeptide(L)'
_entity_poly.pdbx_seq_one_letter_code
;GPSKQPDLKKMEQESIDQLCELKKLKQFDIQPDGHSLFASILDQLKLRHDPKKLDQDMDVMKLRWLSCNYVQEHRDDFIP
YLFDEETMKMKDIDEYTKEMEHTAQWGGEIEILALSHVFDCPISILMSGRPIQVYNECGKNPELKLVYYKHSYALGEHYN
SLHDS
;
_entity_poly.pdbx_strand_id   A
#
# COMPACT_ATOMS: atom_id res chain seq x y z
N PRO A 6 -26.23 6.74 0.94
CA PRO A 6 -26.66 7.17 -0.40
C PRO A 6 -26.03 6.29 -1.48
N ASP A 7 -25.84 5.02 -1.12
CA ASP A 7 -25.09 4.05 -1.91
C ASP A 7 -23.81 4.67 -2.50
N LEU A 8 -22.91 5.07 -1.62
CA LEU A 8 -21.60 5.53 -2.07
C LEU A 8 -20.66 4.38 -2.38
N LYS A 9 -21.03 3.15 -2.02
CA LYS A 9 -20.20 1.99 -2.35
C LYS A 9 -20.24 1.72 -3.85
N LYS A 10 -21.44 1.63 -4.43
CA LYS A 10 -21.55 1.38 -5.87
C LYS A 10 -21.04 2.57 -6.67
N MET A 11 -21.19 3.79 -6.15
CA MET A 11 -20.71 4.97 -6.85
C MET A 11 -19.18 4.97 -6.95
N GLU A 12 -18.50 4.57 -5.87
CA GLU A 12 -17.04 4.53 -5.91
C GLU A 12 -16.55 3.38 -6.78
N GLN A 13 -17.21 2.23 -6.71
CA GLN A 13 -16.81 1.09 -7.53
C GLN A 13 -16.99 1.38 -9.01
N GLU A 14 -18.09 2.04 -9.38
CA GLU A 14 -18.34 2.35 -10.78
C GLU A 14 -17.31 3.33 -11.32
N SER A 15 -16.92 4.33 -10.52
CA SER A 15 -15.91 5.28 -10.97
C SER A 15 -14.53 4.63 -11.08
N ILE A 16 -14.21 3.72 -10.15
CA ILE A 16 -12.93 3.01 -10.22
C ILE A 16 -12.90 2.07 -11.41
N ASP A 17 -14.03 1.42 -11.70
CA ASP A 17 -14.10 0.51 -12.85
C ASP A 17 -13.79 1.26 -14.14
N GLN A 18 -14.45 2.39 -14.36
CA GLN A 18 -14.17 3.17 -15.57
C GLN A 18 -12.79 3.81 -15.53
N LEU A 19 -12.25 4.06 -14.33
CA LEU A 19 -10.92 4.65 -14.22
C LEU A 19 -9.85 3.69 -14.73
N CYS A 20 -9.94 2.41 -14.35
CA CYS A 20 -8.98 1.43 -14.84
C CYS A 20 -9.23 1.06 -16.30
N GLU A 21 -10.47 1.21 -16.78
CA GLU A 21 -10.72 1.03 -18.21
C GLU A 21 -9.93 2.03 -19.05
N LEU A 22 -9.89 3.29 -18.61
CA LEU A 22 -9.12 4.29 -19.33
C LEU A 22 -7.63 4.09 -19.14
N LYS A 23 -7.21 3.55 -18.00
CA LYS A 23 -5.80 3.34 -17.71
C LYS A 23 -5.31 1.97 -18.14
N LYS A 24 -6.16 1.17 -18.79
CA LYS A 24 -5.79 -0.17 -19.24
C LYS A 24 -5.30 -1.04 -18.09
N LEU A 25 -6.00 -0.96 -16.96
CA LEU A 25 -5.65 -1.72 -15.77
C LEU A 25 -6.80 -2.66 -15.41
N LYS A 26 -6.48 -3.65 -14.57
CA LYS A 26 -7.41 -4.70 -14.21
C LYS A 26 -7.34 -4.94 -12.71
N GLN A 27 -8.50 -5.02 -12.07
CA GLN A 27 -8.55 -5.16 -10.62
C GLN A 27 -8.33 -6.61 -10.21
N PHE A 28 -7.86 -6.77 -8.97
CA PHE A 28 -7.67 -8.06 -8.33
C PHE A 28 -8.75 -8.27 -7.27
N ASP A 29 -8.70 -9.40 -6.59
CA ASP A 29 -9.60 -9.70 -5.48
C ASP A 29 -8.78 -9.97 -4.24
N ILE A 30 -8.12 -8.93 -3.72
CA ILE A 30 -7.42 -9.04 -2.46
C ILE A 30 -8.46 -9.05 -1.33
N GLN A 31 -8.40 -10.08 -0.51
CA GLN A 31 -9.32 -10.23 0.61
C GLN A 31 -9.27 -8.97 1.50
N PRO A 32 -10.42 -8.38 1.81
CA PRO A 32 -10.43 -7.10 2.57
C PRO A 32 -10.34 -7.31 4.07
N ASP A 33 -9.24 -7.92 4.51
CA ASP A 33 -8.96 -8.01 5.93
C ASP A 33 -7.89 -6.97 6.28
N GLY A 34 -7.23 -7.14 7.42
CA GLY A 34 -6.22 -6.20 7.86
C GLY A 34 -4.88 -6.29 7.16
N HIS A 35 -4.76 -7.16 6.16
CA HIS A 35 -3.51 -7.33 5.41
C HIS A 35 -3.65 -6.95 3.95
N SER A 36 -4.66 -6.17 3.60
CA SER A 36 -4.94 -5.89 2.19
C SER A 36 -3.80 -5.12 1.54
N LEU A 37 -3.24 -4.13 2.25
CA LEU A 37 -2.17 -3.32 1.68
C LEU A 37 -0.91 -4.14 1.44
N PHE A 38 -0.51 -4.95 2.42
CA PHE A 38 0.68 -5.77 2.26
C PHE A 38 0.48 -6.88 1.25
N ALA A 39 -0.73 -7.45 1.17
CA ALA A 39 -1.00 -8.48 0.18
C ALA A 39 -1.04 -7.90 -1.22
N SER A 40 -1.57 -6.69 -1.37
CA SER A 40 -1.58 -6.05 -2.69
C SER A 40 -0.16 -5.70 -3.14
N ILE A 41 0.66 -5.20 -2.22
CA ILE A 41 2.05 -4.89 -2.54
C ILE A 41 2.81 -6.17 -2.87
N LEU A 42 2.54 -7.24 -2.12
CA LEU A 42 3.19 -8.52 -2.40
C LEU A 42 2.80 -9.04 -3.78
N ASP A 43 1.52 -8.90 -4.15
CA ASP A 43 1.09 -9.34 -5.47
C ASP A 43 1.72 -8.49 -6.57
N GLN A 44 1.81 -7.17 -6.36
CA GLN A 44 2.44 -6.30 -7.34
C GLN A 44 3.94 -6.59 -7.47
N LEU A 45 4.60 -6.95 -6.37
CA LEU A 45 6.01 -7.31 -6.43
C LEU A 45 6.23 -8.57 -7.24
N LYS A 46 5.43 -9.61 -6.98
CA LYS A 46 5.58 -10.86 -7.72
C LYS A 46 5.18 -10.72 -9.18
N LEU A 47 4.44 -9.66 -9.54
CA LEU A 47 3.96 -9.50 -10.91
C LEU A 47 4.88 -8.63 -11.76
N ARG A 48 5.39 -7.52 -11.21
CA ARG A 48 6.13 -6.54 -11.99
C ARG A 48 7.63 -6.52 -11.70
N HIS A 49 8.09 -7.16 -10.63
CA HIS A 49 9.50 -7.15 -10.29
C HIS A 49 10.20 -8.40 -10.83
N ASP A 50 11.51 -8.27 -11.00
CA ASP A 50 12.34 -9.37 -11.48
C ASP A 50 12.32 -10.52 -10.48
N PRO A 51 11.85 -11.72 -10.87
CA PRO A 51 11.80 -12.83 -9.90
C PRO A 51 13.18 -13.28 -9.43
N LYS A 52 14.22 -13.08 -10.24
CA LYS A 52 15.56 -13.50 -9.83
C LYS A 52 16.13 -12.62 -8.73
N LYS A 53 15.59 -11.42 -8.53
CA LYS A 53 16.09 -10.48 -7.54
C LYS A 53 15.10 -10.27 -6.39
N LEU A 54 14.18 -11.21 -6.18
CA LEU A 54 13.15 -11.08 -5.16
C LEU A 54 13.20 -12.27 -4.21
N ASP A 55 12.96 -12.00 -2.93
CA ASP A 55 12.80 -13.06 -1.95
C ASP A 55 11.55 -13.85 -2.29
N GLN A 56 11.72 -15.11 -2.71
CA GLN A 56 10.57 -15.91 -3.09
C GLN A 56 9.68 -16.19 -1.89
N ASP A 57 10.26 -16.43 -0.72
CA ASP A 57 9.48 -16.71 0.48
C ASP A 57 8.92 -15.44 1.12
N MET A 58 8.83 -14.34 0.38
CA MET A 58 8.29 -13.10 0.94
C MET A 58 6.78 -13.21 1.14
N ASP A 59 6.33 -12.93 2.37
CA ASP A 59 4.91 -12.98 2.68
C ASP A 59 4.47 -11.69 3.34
N VAL A 60 3.26 -11.69 3.92
CA VAL A 60 2.67 -10.46 4.45
C VAL A 60 3.42 -10.01 5.70
N MET A 61 3.55 -10.91 6.68
CA MET A 61 4.12 -10.52 7.97
C MET A 61 5.60 -10.13 7.87
N LYS A 62 6.31 -10.62 6.85
CA LYS A 62 7.68 -10.16 6.65
C LYS A 62 7.72 -8.77 6.03
N LEU A 63 6.78 -8.47 5.13
CA LEU A 63 6.62 -7.09 4.70
C LEU A 63 6.13 -6.21 5.83
N ARG A 64 5.39 -6.78 6.78
CA ARG A 64 5.09 -6.07 8.01
C ARG A 64 6.35 -5.85 8.84
N TRP A 65 7.31 -6.77 8.78
N TRP A 65 7.26 -6.83 8.85
CA TRP A 65 8.55 -6.54 9.51
CA TRP A 65 8.58 -6.63 9.44
C TRP A 65 9.47 -5.56 8.80
C TRP A 65 9.29 -5.46 8.78
N LEU A 66 9.46 -5.54 7.46
CA LEU A 66 10.34 -4.63 6.74
C LEU A 66 9.90 -3.18 6.88
N SER A 67 8.58 -2.92 6.79
CA SER A 67 8.09 -1.56 6.93
C SER A 67 8.33 -1.03 8.34
N CYS A 68 8.16 -1.89 9.35
CA CYS A 68 8.32 -1.43 10.73
C CYS A 68 9.77 -1.17 11.07
N ASN A 69 10.72 -1.86 10.43
CA ASN A 69 12.13 -1.61 10.68
C ASN A 69 12.64 -0.40 9.92
N TYR A 70 12.13 -0.16 8.71
CA TYR A 70 12.50 1.04 7.98
C TYR A 70 12.04 2.30 8.70
N VAL A 71 10.87 2.23 9.34
CA VAL A 71 10.40 3.36 10.15
C VAL A 71 11.26 3.52 11.39
N GLN A 72 11.78 2.42 11.94
CA GLN A 72 12.56 2.50 13.16
C GLN A 72 13.97 3.01 12.91
N GLU A 73 14.51 2.85 11.71
CA GLU A 73 15.83 3.35 11.38
C GLU A 73 15.79 4.67 10.59
N HIS A 74 14.63 5.08 10.13
CA HIS A 74 14.43 6.38 9.50
C HIS A 74 13.28 7.12 10.19
N ARG A 75 13.34 7.19 11.53
CA ARG A 75 12.21 7.71 12.29
C ARG A 75 11.86 9.14 11.91
N ASP A 76 12.87 9.99 11.72
CA ASP A 76 12.62 11.39 11.41
C ASP A 76 11.81 11.56 10.13
N ASP A 77 11.96 10.65 9.17
CA ASP A 77 11.22 10.73 7.93
C ASP A 77 9.76 10.31 8.08
N PHE A 78 9.37 9.77 9.24
CA PHE A 78 8.00 9.34 9.47
C PHE A 78 7.33 10.05 10.65
N ILE A 79 8.06 10.90 11.38
CA ILE A 79 7.44 11.64 12.48
C ILE A 79 6.29 12.53 12.02
N PRO A 80 6.42 13.31 10.95
CA PRO A 80 5.30 14.20 10.56
C PRO A 80 4.01 13.46 10.25
N TYR A 81 4.07 12.19 9.88
CA TYR A 81 2.88 11.43 9.58
C TYR A 81 2.14 10.92 10.82
N LEU A 82 2.46 11.44 12.02
CA LEU A 82 1.83 10.98 13.24
C LEU A 82 1.32 12.12 14.13
N PHE A 83 1.29 13.35 13.65
CA PHE A 83 0.75 14.45 14.44
C PHE A 83 -0.47 15.02 13.73
N ASP A 84 -1.18 15.88 14.47
CA ASP A 84 -2.48 16.43 14.07
C ASP A 84 -3.51 15.31 13.94
N MET A 88 -4.89 17.54 17.72
CA MET A 88 -4.74 16.69 18.90
C MET A 88 -3.28 16.59 19.34
N LYS A 89 -2.84 15.38 19.64
CA LYS A 89 -1.47 15.09 20.06
C LYS A 89 -0.83 14.11 19.08
N MET A 90 0.42 13.75 19.37
CA MET A 90 1.23 12.92 18.49
C MET A 90 1.23 11.48 18.96
N LYS A 91 1.07 10.57 18.01
CA LYS A 91 1.17 9.14 18.30
C LYS A 91 2.63 8.75 18.47
N ASP A 92 2.91 7.96 19.50
CA ASP A 92 4.27 7.49 19.74
C ASP A 92 4.78 6.71 18.55
N ILE A 93 5.91 7.15 17.98
CA ILE A 93 6.48 6.50 16.79
C ILE A 93 6.86 5.06 17.09
N ASP A 94 7.31 4.77 18.31
CA ASP A 94 7.72 3.41 18.64
C ASP A 94 6.51 2.50 18.85
N GLU A 95 5.55 2.97 19.65
CA GLU A 95 4.34 2.16 19.88
C GLU A 95 3.57 1.92 18.59
N TYR A 96 3.67 2.83 17.62
CA TYR A 96 3.01 2.62 16.35
C TYR A 96 3.67 1.49 15.57
N THR A 97 4.97 1.29 15.74
CA THR A 97 5.66 0.22 15.02
C THR A 97 5.45 -1.14 15.68
N LYS A 98 5.32 -1.18 17.00
CA LYS A 98 5.12 -2.46 17.67
C LYS A 98 3.71 -2.98 17.47
N GLU A 99 2.73 -2.09 17.30
CA GLU A 99 1.35 -2.53 17.08
C GLU A 99 1.10 -2.88 15.62
N MET A 100 1.83 -2.27 14.69
CA MET A 100 1.66 -2.60 13.28
C MET A 100 2.38 -3.90 12.91
N GLU A 101 3.44 -4.25 13.64
CA GLU A 101 4.25 -5.41 13.30
C GLU A 101 3.67 -6.71 13.82
N HIS A 102 3.06 -6.69 15.01
CA HIS A 102 2.61 -7.91 15.67
C HIS A 102 1.11 -8.15 15.60
N THR A 103 0.34 -7.21 15.07
CA THR A 103 -1.11 -7.36 14.96
C THR A 103 -1.50 -7.47 13.50
N ALA A 104 -2.81 -7.34 13.25
CA ALA A 104 -3.37 -7.36 11.90
C ALA A 104 -4.07 -6.05 11.60
N GLN A 105 -3.51 -4.94 12.10
CA GLN A 105 -4.13 -3.65 11.92
C GLN A 105 -3.86 -3.11 10.51
N TRP A 106 -4.84 -2.37 10.00
CA TRP A 106 -4.80 -1.82 8.66
C TRP A 106 -3.57 -0.94 8.46
N GLY A 107 -2.86 -1.17 7.35
CA GLY A 107 -1.74 -0.32 6.99
C GLY A 107 -2.17 0.89 6.18
N GLY A 108 -1.33 1.92 6.20
CA GLY A 108 -1.68 3.16 5.54
C GLY A 108 -0.54 3.81 4.78
N GLU A 109 -0.49 5.14 4.79
CA GLU A 109 0.51 5.87 4.01
C GLU A 109 1.92 5.60 4.50
N ILE A 110 2.09 5.36 5.80
CA ILE A 110 3.42 5.12 6.36
C ILE A 110 4.02 3.84 5.79
N GLU A 111 3.21 2.78 5.70
CA GLU A 111 3.71 1.51 5.18
C GLU A 111 3.96 1.57 3.68
N ILE A 112 3.23 2.44 2.97
CA ILE A 112 3.44 2.58 1.53
C ILE A 112 4.79 3.23 1.25
N LEU A 113 5.06 4.36 1.90
CA LEU A 113 6.32 5.07 1.65
C LEU A 113 7.51 4.27 2.16
N ALA A 114 7.34 3.57 3.28
CA ALA A 114 8.43 2.76 3.81
C ALA A 114 8.78 1.62 2.87
N LEU A 115 7.76 0.88 2.41
CA LEU A 115 8.01 -0.25 1.51
C LEU A 115 8.42 0.21 0.12
N SER A 116 8.01 1.42 -0.28
CA SER A 116 8.46 1.96 -1.55
C SER A 116 9.97 2.22 -1.55
N HIS A 117 10.51 2.62 -0.40
CA HIS A 117 11.95 2.80 -0.28
C HIS A 117 12.67 1.48 0.03
N VAL A 118 11.97 0.54 0.67
CA VAL A 118 12.57 -0.76 0.96
C VAL A 118 12.91 -1.48 -0.35
N PHE A 119 11.99 -1.45 -1.31
CA PHE A 119 12.21 -2.08 -2.61
C PHE A 119 12.62 -1.10 -3.69
N ASP A 120 12.84 0.16 -3.34
CA ASP A 120 13.31 1.18 -4.28
C ASP A 120 12.41 1.24 -5.51
N CYS A 121 11.13 1.47 -5.26
CA CYS A 121 10.12 1.44 -6.30
C CYS A 121 9.11 2.56 -6.09
N PRO A 122 8.48 3.04 -7.16
CA PRO A 122 7.27 3.85 -6.99
C PRO A 122 6.09 2.96 -6.64
N ILE A 123 5.18 3.51 -5.84
CA ILE A 123 3.95 2.84 -5.47
C ILE A 123 2.81 3.82 -5.70
N SER A 124 1.99 3.54 -6.72
CA SER A 124 0.88 4.39 -7.09
C SER A 124 -0.40 3.91 -6.43
N ILE A 125 -1.17 4.85 -5.89
CA ILE A 125 -2.46 4.55 -5.27
C ILE A 125 -3.55 5.20 -6.10
N LEU A 126 -4.43 4.38 -6.67
CA LEU A 126 -5.52 4.87 -7.50
C LEU A 126 -6.78 5.01 -6.63
N MET A 127 -7.36 6.21 -6.64
CA MET A 127 -8.57 6.49 -5.89
C MET A 127 -9.60 7.15 -6.79
N SER A 128 -10.86 7.06 -6.38
CA SER A 128 -11.95 7.76 -7.04
C SER A 128 -12.11 9.12 -6.40
N GLY A 129 -12.18 10.17 -7.24
CA GLY A 129 -12.27 11.52 -6.74
C GLY A 129 -10.95 12.18 -6.41
N ARG A 130 -9.83 11.56 -6.79
CA ARG A 130 -8.52 12.09 -6.48
C ARG A 130 -7.57 11.75 -7.62
N PRO A 131 -6.58 12.59 -7.89
CA PRO A 131 -5.53 12.22 -8.85
C PRO A 131 -4.68 11.08 -8.28
N ILE A 132 -3.89 10.48 -9.16
CA ILE A 132 -3.04 9.37 -8.75
C ILE A 132 -1.96 9.88 -7.80
N GLN A 133 -1.80 9.19 -6.68
CA GLN A 133 -0.71 9.45 -5.75
C GLN A 133 0.44 8.49 -6.05
N VAL A 134 1.65 9.03 -6.15
CA VAL A 134 2.84 8.24 -6.43
C VAL A 134 3.81 8.43 -5.27
N TYR A 135 4.00 7.37 -4.48
CA TYR A 135 5.02 7.36 -3.44
C TYR A 135 6.35 6.94 -4.03
N ASN A 136 7.43 7.54 -3.51
CA ASN A 136 8.77 7.32 -4.04
C ASN A 136 8.77 7.39 -5.56
N GLU A 137 8.43 8.58 -6.06
CA GLU A 137 8.29 8.84 -7.49
C GLU A 137 9.57 8.56 -8.27
N CYS A 138 10.50 7.82 -7.67
CA CYS A 138 11.88 7.86 -8.13
C CYS A 138 12.58 6.51 -8.02
N GLY A 139 11.92 5.50 -7.45
CA GLY A 139 12.54 4.19 -7.34
C GLY A 139 12.88 3.65 -8.72
N LYS A 140 14.09 3.09 -8.84
CA LYS A 140 14.56 2.56 -10.10
C LYS A 140 13.91 1.22 -10.47
N ASN A 141 13.25 0.57 -9.51
CA ASN A 141 12.55 -0.67 -9.78
C ASN A 141 11.15 -0.38 -10.33
N PRO A 142 10.53 -1.35 -11.00
CA PRO A 142 9.21 -1.10 -11.59
C PRO A 142 8.19 -0.64 -10.56
N GLU A 143 7.27 0.21 -11.02
CA GLU A 143 6.28 0.81 -10.14
C GLU A 143 5.18 -0.18 -9.80
N LEU A 144 4.80 -0.21 -8.52
CA LEU A 144 3.68 -1.02 -8.06
C LEU A 144 2.40 -0.19 -8.14
N LYS A 145 1.33 -0.81 -8.64
CA LYS A 145 0.07 -0.12 -8.87
C LYS A 145 -1.01 -0.72 -7.98
N LEU A 146 -1.52 0.10 -7.07
CA LEU A 146 -2.58 -0.31 -6.14
C LEU A 146 -3.81 0.56 -6.35
N VAL A 147 -4.93 0.10 -5.78
CA VAL A 147 -6.19 0.84 -5.80
C VAL A 147 -6.75 0.84 -4.38
N TYR A 148 -7.28 1.98 -3.96
CA TYR A 148 -7.80 2.16 -2.61
C TYR A 148 -9.31 2.40 -2.65
N TYR A 149 -10.04 1.71 -1.79
CA TYR A 149 -11.48 1.88 -1.66
C TYR A 149 -11.78 2.50 -0.30
N LYS A 150 -12.49 3.62 -0.30
CA LYS A 150 -12.88 4.28 0.94
C LYS A 150 -14.22 3.76 1.47
N HIS A 151 -15.16 3.45 0.58
CA HIS A 151 -16.51 3.08 0.98
C HIS A 151 -16.76 1.58 0.98
N SER A 152 -15.96 0.80 0.27
CA SER A 152 -16.08 -0.66 0.32
C SER A 152 -15.56 -1.13 1.67
N TYR A 153 -16.48 -1.35 2.60
CA TYR A 153 -16.13 -1.69 3.98
C TYR A 153 -16.71 -3.05 4.36
N GLY A 156 -10.87 -0.27 7.94
CA GLY A 156 -11.54 0.66 7.07
C GLY A 156 -10.82 0.89 5.75
N GLU A 157 -9.50 0.74 5.77
CA GLU A 157 -8.66 1.04 4.61
C GLU A 157 -8.44 -0.25 3.83
N HIS A 158 -9.19 -0.43 2.75
CA HIS A 158 -9.09 -1.61 1.91
C HIS A 158 -8.29 -1.28 0.65
N TYR A 159 -7.30 -2.11 0.35
CA TYR A 159 -6.47 -1.96 -0.83
C TYR A 159 -6.61 -3.18 -1.74
N ASN A 160 -6.25 -3.01 -3.01
CA ASN A 160 -6.33 -4.08 -3.98
C ASN A 160 -5.23 -3.89 -5.02
N SER A 161 -4.95 -4.96 -5.76
CA SER A 161 -3.89 -4.97 -6.75
C SER A 161 -4.45 -4.66 -8.13
N LEU A 162 -3.60 -4.09 -8.99
CA LEU A 162 -3.98 -3.67 -10.33
C LEU A 162 -3.06 -4.34 -11.35
N HIS A 163 -3.62 -5.25 -12.13
CA HIS A 163 -2.90 -5.90 -13.21
C HIS A 163 -3.07 -5.12 -14.51
N ASP A 164 -2.29 -5.51 -15.52
CA ASP A 164 -2.34 -4.82 -16.80
C ASP A 164 -3.49 -5.34 -17.65
N SER A 165 -4.02 -4.46 -18.50
CA SER A 165 -5.13 -4.76 -19.40
C SER A 165 -6.34 -5.29 -18.63
#